data_5ETH
#
_entry.id   5ETH
#
_cell.length_a   125.559
_cell.length_b   56.413
_cell.length_c   77.922
_cell.angle_alpha   90.000
_cell.angle_beta   124.670
_cell.angle_gamma   90.000
#
_symmetry.space_group_name_H-M   'C 1 2 1'
#
loop_
_entity.id
_entity.type
_entity.pdbx_description
1 polymer 'Nuclear receptor ROR-gamma'
2 non-polymer 1-methyl-~{N}-(1-thiophen-2-ylcarbonyl-3,4-dihydro-2~{H}-quinolin-6-yl)-~{N}-[2,2,2-tris(fluoranyl)ethyl]indole-4-sulfonamide
3 water water
#
_entity_poly.entity_id   1
_entity_poly.type   'polypeptide(L)'
_entity_poly.pdbx_seq_one_letter_code
;GPLTEIEHLVQSVCKSYRETCQLRLEDLLRQRSNIFSREEVTGYQRKSMWEMWERCAHHLTEAIQYVVEFAKRLSGFMEL
CQNDQIVLLKAGAMEVVLVRMCRAYNADNRTVFFEGKYGGMELFRALGCSELISSIFDFSHSLSALHFSEDEIALYTALV
LINAHRPGLQEKRKVEQLQYNLELAFHHHLCKTHRQSILAKLPPKGKLRSLCSQHVERLQIFQ
;
_entity_poly.pdbx_strand_id   A,B
#
# COMPACT_ATOMS: atom_id res chain seq x y z
N GLU A 5 24.06 15.57 1.49
CA GLU A 5 22.75 15.37 0.81
C GLU A 5 22.09 14.10 1.34
N ILE A 6 21.14 14.27 2.25
CA ILE A 6 20.33 13.15 2.74
C ILE A 6 19.32 12.64 1.72
N GLU A 7 18.89 13.50 0.80
CA GLU A 7 18.10 13.08 -0.36
C GLU A 7 18.87 12.13 -1.27
N HIS A 8 20.16 12.38 -1.40
CA HIS A 8 21.05 11.44 -2.11
C HIS A 8 21.10 10.08 -1.42
N LEU A 9 21.20 10.05 -0.11
CA LEU A 9 21.15 8.80 0.66
C LEU A 9 19.84 8.05 0.43
N VAL A 10 18.71 8.78 0.49
CA VAL A 10 17.40 8.18 0.19
C VAL A 10 17.40 7.50 -1.18
N GLN A 11 17.79 8.26 -2.21
CA GLN A 11 17.76 7.77 -3.59
C GLN A 11 18.67 6.58 -3.74
N SER A 12 19.80 6.62 -3.07
CA SER A 12 20.78 5.53 -3.12
C SER A 12 20.27 4.26 -2.49
N VAL A 13 19.64 4.37 -1.32
CA VAL A 13 19.07 3.21 -0.62
C VAL A 13 17.99 2.57 -1.48
N CYS A 14 17.15 3.42 -2.08
CA CYS A 14 16.03 2.95 -2.87
C CYS A 14 16.48 2.25 -4.16
N LYS A 15 17.56 2.77 -4.75
CA LYS A 15 18.15 2.14 -5.93
C LYS A 15 18.79 0.80 -5.60
N SER A 16 19.52 0.76 -4.49
CA SER A 16 20.15 -0.49 -4.02
C SER A 16 19.13 -1.55 -3.78
N TYR A 17 17.97 -1.20 -3.19
CA TYR A 17 16.92 -2.17 -2.97
C TYR A 17 16.31 -2.65 -4.30
N ARG A 18 16.05 -1.69 -5.20
CA ARG A 18 15.47 -2.02 -6.49
C ARG A 18 16.37 -3.00 -7.25
N GLU A 19 17.68 -2.83 -7.11
CA GLU A 19 18.64 -3.68 -7.83
C GLU A 19 18.85 -5.04 -7.19
N THR A 20 18.51 -5.17 -5.91
CA THR A 20 18.80 -6.40 -5.15
C THR A 20 17.55 -7.00 -4.52
N CYS A 21 16.36 -6.58 -4.97
CA CYS A 21 15.12 -7.05 -4.33
C CYS A 21 14.83 -8.54 -4.63
N GLN A 22 15.62 -9.13 -5.54
CA GLN A 22 15.58 -10.58 -5.86
C GLN A 22 14.38 -10.94 -6.71
N LEU A 23 13.19 -10.73 -6.18
CA LEU A 23 11.94 -10.93 -6.92
C LEU A 23 11.24 -9.60 -7.06
N ARG A 24 10.79 -9.28 -8.28
CA ARG A 24 10.09 -8.02 -8.55
C ARG A 24 8.69 -8.11 -7.98
N LEU A 25 8.24 -7.00 -7.38
CA LEU A 25 6.92 -6.97 -6.76
C LEU A 25 5.83 -7.28 -7.78
N GLU A 26 5.94 -6.78 -9.00
N GLU A 26 5.96 -6.75 -8.99
CA GLU A 26 4.90 -7.03 -10.00
CA GLU A 26 5.02 -7.00 -10.07
C GLU A 26 4.78 -8.51 -10.36
C GLU A 26 4.80 -8.48 -10.35
N ASP A 27 5.89 -9.26 -10.32
CA ASP A 27 5.85 -10.70 -10.55
C ASP A 27 5.23 -11.46 -9.39
N LEU A 28 5.59 -11.07 -8.17
CA LEU A 28 5.00 -11.63 -6.95
C LEU A 28 3.47 -11.46 -6.94
N LEU A 29 3.01 -10.27 -7.30
CA LEU A 29 1.58 -9.96 -7.32
C LEU A 29 0.85 -10.75 -8.40
N ARG A 30 1.42 -10.79 -9.60
CA ARG A 30 0.80 -11.47 -10.74
C ARG A 30 0.66 -12.98 -10.47
N GLN A 31 1.59 -13.53 -9.69
CA GLN A 31 1.60 -14.96 -9.41
C GLN A 31 0.70 -15.38 -8.23
N ARG A 32 0.07 -14.39 -7.58
CA ARG A 32 -0.82 -14.68 -6.43
C ARG A 32 -1.95 -15.66 -6.77
N SER A 33 -2.41 -15.66 -8.01
CA SER A 33 -3.43 -16.57 -8.49
C SER A 33 -2.93 -18.01 -8.62
N ASN A 34 -1.61 -18.17 -8.64
CA ASN A 34 -0.97 -19.47 -8.80
C ASN A 34 -0.72 -20.17 -7.46
N ILE A 35 -1.60 -21.13 -7.16
CA ILE A 35 -1.58 -21.79 -5.84
C ILE A 35 -1.24 -23.28 -5.91
N PHE A 36 -0.35 -23.74 -5.03
CA PHE A 36 -0.02 -25.18 -4.97
C PHE A 36 -1.24 -26.05 -4.81
N SER A 37 -1.36 -27.06 -5.68
CA SER A 37 -2.46 -28.01 -5.60
C SER A 37 -2.23 -28.94 -4.40
N ARG A 38 -3.33 -29.65 -4.03
CA ARG A 38 -3.23 -30.61 -2.91
C ARG A 38 -2.16 -31.64 -3.12
N GLU A 39 -2.00 -32.16 -4.35
CA GLU A 39 -0.97 -33.14 -4.66
C GLU A 39 0.45 -32.58 -4.54
N GLU A 40 0.61 -31.31 -4.90
CA GLU A 40 1.91 -30.66 -4.75
C GLU A 40 2.27 -30.46 -3.28
N VAL A 41 1.29 -30.06 -2.47
CA VAL A 41 1.48 -29.93 -1.02
C VAL A 41 1.86 -31.29 -0.38
N THR A 42 1.12 -32.34 -0.75
CA THR A 42 1.43 -33.69 -0.29
C THR A 42 2.84 -34.09 -0.67
N GLY A 43 3.25 -33.72 -1.89
CA GLY A 43 4.60 -33.98 -2.37
C GLY A 43 5.65 -33.35 -1.47
N TYR A 44 5.42 -32.10 -1.06
CA TYR A 44 6.33 -31.43 -0.12
C TYR A 44 6.32 -32.07 1.27
N GLN A 45 5.13 -32.42 1.75
CA GLN A 45 4.95 -33.03 3.06
C GLN A 45 5.65 -34.38 3.17
N ARG A 46 5.84 -35.07 2.03
CA ARG A 46 6.44 -36.39 2.03
C ARG A 46 7.97 -36.36 2.08
N LYS A 47 8.55 -35.20 1.75
CA LYS A 47 9.99 -35.01 1.81
C LYS A 47 10.54 -35.22 3.20
N SER A 48 11.75 -35.77 3.28
CA SER A 48 12.40 -35.92 4.59
C SER A 48 12.66 -34.56 5.21
N MET A 49 12.65 -34.56 6.54
CA MET A 49 12.97 -33.32 7.28
C MET A 49 14.32 -32.76 6.78
N TRP A 50 15.20 -33.69 6.42
CA TRP A 50 16.55 -33.33 6.01
C TRP A 50 16.60 -32.65 4.65
N GLU A 51 15.75 -33.13 3.75
CA GLU A 51 15.67 -32.59 2.41
C GLU A 51 15.02 -31.21 2.45
N MET A 52 13.98 -31.02 3.31
CA MET A 52 13.35 -29.75 3.44
C MET A 52 14.32 -28.69 4.00
N TRP A 53 15.11 -29.14 4.97
CA TRP A 53 16.16 -28.26 5.48
C TRP A 53 17.16 -27.84 4.39
N GLU A 54 17.70 -28.79 3.62
CA GLU A 54 18.67 -28.41 2.60
C GLU A 54 18.11 -27.47 1.51
N ARG A 55 16.86 -27.69 1.12
CA ARG A 55 16.16 -26.81 0.18
C ARG A 55 16.00 -25.41 0.77
N CYS A 56 15.48 -25.36 2.00
CA CYS A 56 15.28 -24.09 2.67
C CYS A 56 16.62 -23.37 2.95
N ALA A 57 17.63 -24.14 3.35
CA ALA A 57 18.96 -23.59 3.57
C ALA A 57 19.51 -22.94 2.27
N HIS A 58 19.34 -23.64 1.15
CA HIS A 58 19.75 -23.11 -0.15
C HIS A 58 19.05 -21.78 -0.48
N HIS A 59 17.73 -21.75 -0.33
CA HIS A 59 16.97 -20.53 -0.60
C HIS A 59 17.31 -19.37 0.35
N LEU A 60 17.55 -19.69 1.61
CA LEU A 60 17.95 -18.67 2.59
C LEU A 60 19.33 -18.10 2.32
N THR A 61 20.27 -18.96 1.95
CA THR A 61 21.64 -18.58 1.63
C THR A 61 21.63 -17.63 0.43
N GLU A 62 20.90 -18.02 -0.61
CA GLU A 62 20.71 -17.18 -1.78
C GLU A 62 20.13 -15.79 -1.39
N ALA A 63 19.08 -15.79 -0.56
CA ALA A 63 18.45 -14.54 -0.15
C ALA A 63 19.42 -13.63 0.62
N ILE A 64 20.20 -14.22 1.52
CA ILE A 64 21.23 -13.49 2.27
C ILE A 64 22.27 -12.86 1.34
N GLN A 65 22.68 -13.61 0.32
CA GLN A 65 23.63 -13.11 -0.68
C GLN A 65 23.16 -11.78 -1.25
N TYR A 66 21.88 -11.72 -1.61
CA TYR A 66 21.30 -10.48 -2.16
C TYR A 66 21.24 -9.35 -1.13
N VAL A 67 21.02 -9.69 0.14
CA VAL A 67 21.02 -8.70 1.23
C VAL A 67 22.42 -8.10 1.44
N VAL A 68 23.43 -8.96 1.42
CA VAL A 68 24.82 -8.52 1.46
C VAL A 68 25.12 -7.56 0.29
N GLU A 69 24.72 -7.93 -0.92
CA GLU A 69 24.86 -7.07 -2.10
C GLU A 69 24.23 -5.71 -1.88
N PHE A 70 23.01 -5.72 -1.35
CA PHE A 70 22.28 -4.49 -0.98
C PHE A 70 23.12 -3.64 -0.04
N ALA A 71 23.63 -4.25 1.02
CA ALA A 71 24.48 -3.53 1.97
C ALA A 71 25.69 -2.90 1.27
N LYS A 72 26.38 -3.70 0.46
CA LYS A 72 27.60 -3.23 -0.21
C LYS A 72 27.35 -2.03 -1.10
N ARG A 73 26.11 -1.86 -1.53
CA ARG A 73 25.72 -0.73 -2.39
C ARG A 73 25.25 0.51 -1.65
N LEU A 74 25.04 0.40 -0.34
CA LEU A 74 24.61 1.54 0.48
C LEU A 74 25.71 2.55 0.67
N SER A 75 25.44 3.81 0.31
CA SER A 75 26.44 4.85 0.42
C SER A 75 26.93 4.86 1.87
N GLY A 76 28.24 4.75 2.04
CA GLY A 76 28.83 4.80 3.37
C GLY A 76 29.07 3.46 4.02
N PHE A 77 28.30 2.43 3.66
CA PHE A 77 28.56 1.08 4.21
C PHE A 77 29.97 0.61 3.90
N MET A 78 30.39 0.77 2.65
CA MET A 78 31.73 0.40 2.23
C MET A 78 32.83 1.22 2.89
N GLU A 79 32.49 2.39 3.43
CA GLU A 79 33.41 3.30 4.18
CA GLU A 79 33.47 3.24 4.13
C GLU A 79 33.72 2.78 5.56
N LEU A 80 32.83 1.97 6.10
CA LEU A 80 33.07 1.35 7.41
C LEU A 80 34.20 0.35 7.31
N CYS A 81 34.92 0.14 8.41
CA CYS A 81 36.00 -0.86 8.43
C CYS A 81 35.43 -2.27 8.17
N GLN A 82 36.26 -3.16 7.67
CA GLN A 82 35.79 -4.49 7.34
C GLN A 82 35.18 -5.27 8.49
N ASN A 83 35.79 -5.20 9.63
CA ASN A 83 35.22 -5.84 10.82
C ASN A 83 33.76 -5.45 11.11
N ASP A 84 33.47 -4.16 10.99
CA ASP A 84 32.11 -3.64 11.26
C ASP A 84 31.09 -4.02 10.20
N GLN A 85 31.50 -4.03 8.93
CA GLN A 85 30.64 -4.53 7.85
C GLN A 85 30.22 -5.97 8.15
N ILE A 86 31.16 -6.78 8.61
CA ILE A 86 30.89 -8.18 8.93
C ILE A 86 29.96 -8.26 10.15
N VAL A 87 30.28 -7.50 11.21
CA VAL A 87 29.44 -7.51 12.40
C VAL A 87 27.99 -7.18 12.05
N LEU A 88 27.78 -6.10 11.30
CA LEU A 88 26.42 -5.66 10.96
C LEU A 88 25.65 -6.66 10.12
N LEU A 89 26.33 -7.31 9.18
CA LEU A 89 25.66 -8.24 8.27
C LEU A 89 25.43 -9.56 8.95
N LYS A 90 26.38 -9.98 9.79
CA LYS A 90 26.22 -11.22 10.55
C LYS A 90 24.97 -11.09 11.42
N ALA A 91 24.82 -9.94 12.07
CA ALA A 91 23.69 -9.70 12.99
C ALA A 91 22.37 -9.43 12.29
N GLY A 92 22.41 -8.83 11.11
CA GLY A 92 21.20 -8.27 10.50
C GLY A 92 20.73 -8.80 9.17
N ALA A 93 21.58 -9.51 8.43
CA ALA A 93 21.20 -9.96 7.09
C ALA A 93 19.95 -10.86 7.09
N MET A 94 19.91 -11.85 8.00
CA MET A 94 18.73 -12.72 8.14
C MET A 94 17.47 -11.98 8.60
N GLU A 95 17.64 -10.99 9.49
CA GLU A 95 16.55 -10.09 9.88
C GLU A 95 15.97 -9.33 8.67
N VAL A 96 16.83 -8.84 7.78
CA VAL A 96 16.36 -8.20 6.54
C VAL A 96 15.61 -9.20 5.63
N VAL A 97 16.12 -10.43 5.53
CA VAL A 97 15.43 -11.46 4.74
C VAL A 97 14.00 -11.69 5.28
N LEU A 98 13.85 -11.73 6.59
CA LEU A 98 12.53 -11.93 7.20
C LEU A 98 11.58 -10.76 6.93
N VAL A 99 12.10 -9.54 6.96
CA VAL A 99 11.31 -8.35 6.59
C VAL A 99 10.95 -8.38 5.10
N ARG A 100 11.94 -8.63 4.22
CA ARG A 100 11.70 -8.75 2.77
C ARG A 100 10.60 -9.78 2.42
N MET A 101 10.53 -10.83 3.21
CA MET A 101 9.54 -11.90 3.01
C MET A 101 8.08 -11.42 2.97
N CYS A 102 7.77 -10.35 3.68
CA CYS A 102 6.40 -9.84 3.69
C CYS A 102 5.88 -9.45 2.31
N ARG A 103 6.75 -9.07 1.36
CA ARG A 103 6.32 -8.78 -0.01
C ARG A 103 5.76 -10.00 -0.72
N ALA A 104 6.29 -11.17 -0.33
CA ALA A 104 5.95 -12.43 -0.96
C ALA A 104 4.87 -13.16 -0.18
N TYR A 105 4.24 -12.45 0.73
CA TYR A 105 3.16 -12.98 1.56
C TYR A 105 1.85 -12.34 1.13
N ASN A 106 0.83 -13.16 0.94
CA ASN A 106 -0.51 -12.70 0.55
C ASN A 106 -1.49 -12.83 1.73
N ALA A 107 -1.86 -11.69 2.31
CA ALA A 107 -2.72 -11.66 3.49
C ALA A 107 -4.14 -12.12 3.18
N ASP A 108 -4.56 -12.02 1.92
CA ASP A 108 -5.92 -12.40 1.55
C ASP A 108 -6.20 -13.87 1.88
N ASN A 109 -5.25 -14.73 1.57
CA ASN A 109 -5.43 -16.16 1.79
C ASN A 109 -4.34 -16.81 2.65
N ARG A 110 -3.51 -15.97 3.28
CA ARG A 110 -2.41 -16.43 4.14
C ARG A 110 -1.48 -17.43 3.45
N THR A 111 -0.97 -17.05 2.29
CA THR A 111 -0.05 -17.92 1.54
C THR A 111 1.27 -17.16 1.30
N VAL A 112 2.32 -17.92 0.99
CA VAL A 112 3.63 -17.33 0.74
C VAL A 112 4.17 -17.86 -0.58
N PHE A 113 4.84 -17.02 -1.36
CA PHE A 113 5.50 -17.45 -2.61
C PHE A 113 6.71 -18.34 -2.31
N PHE A 114 6.65 -19.59 -2.75
CA PHE A 114 7.71 -20.56 -2.51
C PHE A 114 7.88 -21.44 -3.74
N GLU A 115 9.08 -21.41 -4.31
CA GLU A 115 9.42 -22.19 -5.49
C GLU A 115 8.38 -22.07 -6.60
N GLY A 116 7.94 -20.84 -6.85
CA GLY A 116 7.15 -20.54 -8.05
C GLY A 116 5.66 -20.47 -7.88
N LYS A 117 5.13 -20.85 -6.72
CA LYS A 117 3.67 -20.78 -6.51
C LYS A 117 3.40 -20.41 -5.06
N TYR A 118 2.18 -20.06 -4.74
CA TYR A 118 1.80 -19.69 -3.39
C TYR A 118 1.29 -20.88 -2.61
N GLY A 119 1.75 -21.02 -1.36
CA GLY A 119 1.26 -22.10 -0.49
C GLY A 119 1.04 -21.60 0.93
N GLY A 120 0.20 -22.33 1.65
CA GLY A 120 -0.04 -22.01 3.06
C GLY A 120 1.02 -22.66 3.95
N MET A 121 0.85 -22.46 5.25
CA MET A 121 1.89 -22.91 6.17
C MET A 121 2.04 -24.42 6.20
N GLU A 122 1.00 -25.18 5.85
CA GLU A 122 1.09 -26.66 5.84
C GLU A 122 2.07 -27.23 4.80
N LEU A 123 2.39 -26.42 3.78
CA LEU A 123 3.41 -26.78 2.79
C LEU A 123 4.75 -27.15 3.45
N PHE A 124 5.04 -26.50 4.58
CA PHE A 124 6.35 -26.59 5.27
C PHE A 124 6.35 -27.58 6.41
N ARG A 125 5.35 -28.46 6.45
CA ARG A 125 5.24 -29.52 7.42
C ARG A 125 6.56 -30.28 7.73
N ALA A 126 7.24 -30.66 6.66
CA ALA A 126 8.46 -31.48 6.75
C ALA A 126 9.59 -30.86 7.58
N LEU A 127 9.58 -29.53 7.71
CA LEU A 127 10.56 -28.84 8.53
C LEU A 127 10.46 -29.21 10.03
N GLY A 128 9.25 -29.56 10.49
CA GLY A 128 9.10 -30.05 11.86
C GLY A 128 9.35 -28.96 12.87
N CYS A 129 9.13 -27.73 12.53
CA CYS A 129 9.20 -26.62 13.51
C CYS A 129 7.97 -25.74 13.30
N SER A 130 6.85 -26.38 13.53
CA SER A 130 5.54 -25.73 13.23
C SER A 130 5.27 -24.48 14.04
N GLU A 131 5.77 -24.41 15.29
CA GLU A 131 5.82 -23.16 16.05
C GLU A 131 6.65 -22.09 15.36
N LEU A 132 7.84 -22.44 14.91
CA LEU A 132 8.65 -21.52 14.12
C LEU A 132 7.97 -21.08 12.83
N ILE A 133 7.42 -22.02 12.07
CA ILE A 133 6.77 -21.68 10.77
C ILE A 133 5.59 -20.76 11.02
N SER A 134 4.79 -21.09 12.04
CA SER A 134 3.66 -20.23 12.40
C SER A 134 4.09 -18.81 12.78
N SER A 135 5.17 -18.69 13.57
CA SER A 135 5.75 -17.38 13.92
C SER A 135 6.20 -16.58 12.72
N ILE A 136 6.84 -17.24 11.76
CA ILE A 136 7.27 -16.57 10.52
C ILE A 136 6.07 -16.05 9.74
N PHE A 137 5.02 -16.90 9.62
CA PHE A 137 3.79 -16.48 8.95
C PHE A 137 3.11 -15.29 9.66
N ASP A 138 3.04 -15.38 11.00
CA ASP A 138 2.43 -14.30 11.80
C ASP A 138 3.18 -13.00 11.66
N PHE A 139 4.50 -13.08 11.68
CA PHE A 139 5.37 -11.91 11.49
C PHE A 139 5.11 -11.28 10.13
N SER A 140 5.10 -12.09 9.07
CA SER A 140 4.85 -11.59 7.72
C SER A 140 3.45 -10.96 7.61
N HIS A 141 2.47 -11.58 8.29
CA HIS A 141 1.12 -11.07 8.30
C HIS A 141 1.07 -9.67 8.95
N SER A 142 1.72 -9.54 10.10
CA SER A 142 1.89 -8.23 10.77
C SER A 142 2.52 -7.16 9.90
N LEU A 143 3.53 -7.49 9.15
CA LEU A 143 4.15 -6.53 8.28
C LEU A 143 3.31 -6.21 7.08
N SER A 144 2.62 -7.17 6.54
CA SER A 144 1.77 -6.92 5.38
C SER A 144 0.67 -5.90 5.73
N ALA A 145 0.27 -5.87 7.00
CA ALA A 145 -0.76 -4.95 7.45
C ALA A 145 -0.32 -3.48 7.31
N LEU A 146 0.98 -3.26 7.22
CA LEU A 146 1.56 -1.91 7.09
C LEU A 146 1.58 -1.36 5.66
N HIS A 147 1.42 -2.26 4.69
CA HIS A 147 1.30 -1.86 3.28
C HIS A 147 2.51 -1.00 2.86
N PHE A 148 3.69 -1.52 3.20
CA PHE A 148 4.94 -0.85 2.89
C PHE A 148 4.96 -0.48 1.41
N SER A 149 5.31 0.75 1.13
CA SER A 149 5.83 1.10 -0.21
C SER A 149 7.24 0.50 -0.39
N GLU A 150 7.67 0.44 -1.64
CA GLU A 150 9.02 -0.09 -1.93
C GLU A 150 10.08 0.73 -1.23
N ASP A 151 9.94 2.05 -1.27
CA ASP A 151 10.91 2.93 -0.66
C ASP A 151 10.91 2.84 0.87
N GLU A 152 9.74 2.66 1.47
CA GLU A 152 9.66 2.49 2.93
C GLU A 152 10.40 1.21 3.34
N ILE A 153 10.23 0.15 2.55
CA ILE A 153 10.92 -1.10 2.80
C ILE A 153 12.44 -0.91 2.68
N ALA A 154 12.86 -0.21 1.61
CA ALA A 154 14.25 0.09 1.38
C ALA A 154 14.88 0.75 2.61
N LEU A 155 14.25 1.83 3.06
CA LEU A 155 14.79 2.63 4.16
C LEU A 155 14.69 1.93 5.49
N TYR A 156 13.55 1.27 5.74
CA TYR A 156 13.38 0.46 6.97
C TYR A 156 14.39 -0.69 7.07
N THR A 157 14.60 -1.43 5.98
CA THR A 157 15.57 -2.53 6.02
C THR A 157 17.02 -2.05 6.09
N ALA A 158 17.31 -0.89 5.52
CA ALA A 158 18.65 -0.31 5.70
C ALA A 158 18.92 -0.08 7.18
N LEU A 159 17.88 0.36 7.90
CA LEU A 159 18.02 0.64 9.34
C LEU A 159 18.02 -0.61 10.20
N VAL A 160 17.42 -1.69 9.70
CA VAL A 160 17.54 -2.97 10.37
C VAL A 160 19.04 -3.35 10.42
N LEU A 161 19.70 -3.20 9.28
CA LEU A 161 21.10 -3.54 9.11
C LEU A 161 22.05 -2.56 9.82
N ILE A 162 21.82 -1.27 9.63
CA ILE A 162 22.80 -0.28 10.11
C ILE A 162 22.42 0.16 11.52
N ASN A 163 22.81 -0.66 12.49
CA ASN A 163 22.41 -0.51 13.88
C ASN A 163 23.66 -0.49 14.73
N ALA A 164 23.91 0.66 15.36
CA ALA A 164 25.14 0.89 16.14
C ALA A 164 25.18 0.19 17.47
N HIS A 165 24.10 -0.52 17.83
CA HIS A 165 24.07 -1.24 19.09
C HIS A 165 24.46 -2.70 18.96
N ARG A 166 24.87 -3.16 17.77
CA ARG A 166 25.43 -4.50 17.59
C ARG A 166 26.67 -4.65 18.42
N PRO A 167 26.72 -5.67 19.31
CA PRO A 167 27.96 -6.01 20.02
C PRO A 167 29.11 -6.31 19.05
N GLY A 168 30.31 -5.85 19.39
CA GLY A 168 31.50 -6.17 18.61
C GLY A 168 31.96 -5.14 17.61
N LEU A 169 31.22 -4.02 17.51
CA LEU A 169 31.62 -2.92 16.62
C LEU A 169 32.92 -2.26 17.08
N GLN A 170 33.84 -2.06 16.15
CA GLN A 170 35.13 -1.43 16.44
C GLN A 170 35.11 0.09 16.23
N GLU A 171 34.22 0.52 15.34
CA GLU A 171 34.05 1.96 15.08
C GLU A 171 32.59 2.34 15.27
N LYS A 172 32.10 2.16 16.49
CA LYS A 172 30.70 2.38 16.85
C LYS A 172 30.22 3.78 16.48
N ARG A 173 31.06 4.79 16.71
CA ARG A 173 30.67 6.16 16.36
C ARG A 173 30.38 6.31 14.87
N LYS A 174 31.21 5.72 14.01
CA LYS A 174 30.98 5.81 12.56
C LYS A 174 29.62 5.19 12.19
N VAL A 175 29.31 4.04 12.80
CA VAL A 175 28.05 3.38 12.55
C VAL A 175 26.86 4.22 13.05
N GLU A 176 27.01 4.78 14.25
CA GLU A 176 26.00 5.73 14.82
C GLU A 176 25.68 6.85 13.89
N GLN A 177 26.70 7.49 13.34
CA GLN A 177 26.56 8.57 12.33
C GLN A 177 25.75 8.10 11.11
N LEU A 178 26.07 6.93 10.58
CA LEU A 178 25.37 6.40 9.42
C LEU A 178 23.90 6.08 9.75
N GLN A 179 23.72 5.43 10.92
CA GLN A 179 22.39 5.09 11.38
C GLN A 179 21.56 6.34 11.56
N TYR A 180 22.11 7.36 12.20
CA TYR A 180 21.36 8.62 12.44
C TYR A 180 20.96 9.29 11.16
N ASN A 181 21.86 9.34 10.16
CA ASN A 181 21.52 9.96 8.87
C ASN A 181 20.39 9.21 8.19
N LEU A 182 20.41 7.87 8.33
CA LEU A 182 19.38 7.04 7.74
C LEU A 182 18.03 7.18 8.47
N GLU A 183 18.11 7.42 9.78
CA GLU A 183 16.89 7.64 10.55
C GLU A 183 16.27 8.96 10.17
N LEU A 184 17.08 9.99 10.01
CA LEU A 184 16.62 11.31 9.51
C LEU A 184 15.92 11.14 8.17
N ALA A 185 16.58 10.43 7.24
CA ALA A 185 16.01 10.20 5.93
C ALA A 185 14.61 9.53 6.06
N PHE A 186 14.57 8.43 6.82
CA PHE A 186 13.34 7.68 6.99
C PHE A 186 12.22 8.50 7.61
N HIS A 187 12.54 9.19 8.69
CA HIS A 187 11.53 9.97 9.44
C HIS A 187 11.08 11.15 8.66
N HIS A 188 12.01 11.82 7.98
CA HIS A 188 11.64 12.96 7.11
C HIS A 188 10.68 12.50 6.03
N HIS A 189 11.00 11.39 5.35
CA HIS A 189 10.15 10.90 4.28
C HIS A 189 8.70 10.49 4.76
N LEU A 190 8.70 9.76 5.88
CA LEU A 190 7.40 9.39 6.48
C LEU A 190 6.57 10.62 6.86
N CYS A 191 7.24 11.67 7.38
CA CYS A 191 6.52 12.89 7.72
C CYS A 191 5.95 13.59 6.49
N LYS A 192 6.70 13.62 5.39
CA LYS A 192 6.25 14.30 4.16
C LYS A 192 5.15 13.52 3.48
N THR A 193 5.03 12.22 3.78
CA THR A 193 3.96 11.43 3.17
C THR A 193 2.84 11.07 4.13
N HIS A 194 2.86 11.68 5.32
CA HIS A 194 1.88 11.43 6.38
C HIS A 194 1.82 9.96 6.74
N ARG A 195 3.00 9.31 6.74
CA ARG A 195 3.09 7.89 7.06
C ARG A 195 3.75 7.59 8.46
N GLN A 196 3.84 8.60 9.30
CA GLN A 196 4.29 8.55 10.66
C GLN A 196 3.66 7.40 11.41
N SER A 197 2.39 7.09 11.11
CA SER A 197 1.63 6.03 11.78
C SER A 197 2.28 4.65 11.77
N ILE A 198 3.18 4.36 10.84
CA ILE A 198 3.73 3.01 10.75
C ILE A 198 4.79 2.67 11.85
N LEU A 199 5.49 3.68 12.35
CA LEU A 199 6.55 3.53 13.33
C LEU A 199 6.09 2.75 14.55
N ALA A 200 4.99 3.17 15.15
CA ALA A 200 4.39 2.49 16.30
C ALA A 200 3.96 1.05 15.99
N LYS A 201 3.76 0.76 14.71
CA LYS A 201 3.27 -0.56 14.31
C LYS A 201 4.39 -1.53 13.92
N LEU A 202 5.61 -1.03 13.82
CA LEU A 202 6.75 -1.89 13.48
C LEU A 202 6.99 -2.90 14.61
N PRO A 203 7.55 -4.08 14.28
CA PRO A 203 7.78 -5.04 15.35
C PRO A 203 8.90 -4.53 16.26
N PRO A 204 8.78 -4.76 17.58
CA PRO A 204 9.88 -4.41 18.48
C PRO A 204 11.16 -5.07 18.03
N LYS A 205 12.29 -4.38 18.21
CA LYS A 205 13.61 -4.89 17.79
C LYS A 205 13.85 -6.29 18.36
N GLY A 206 13.34 -6.55 19.56
CA GLY A 206 13.43 -7.85 20.21
C GLY A 206 12.69 -8.99 19.51
N LYS A 207 11.67 -8.67 18.73
CA LYS A 207 10.86 -9.69 18.04
C LYS A 207 11.65 -10.31 16.89
N LEU A 208 12.31 -9.45 16.14
CA LEU A 208 13.09 -9.85 14.99
C LEU A 208 14.30 -10.68 15.45
N ARG A 209 14.98 -10.16 16.48
CA ARG A 209 16.11 -10.86 17.11
C ARG A 209 15.71 -12.26 17.59
N SER A 210 14.59 -12.33 18.29
CA SER A 210 14.07 -13.58 18.82
C SER A 210 13.78 -14.61 17.72
N LEU A 211 13.15 -14.15 16.65
CA LEU A 211 12.85 -15.02 15.51
C LEU A 211 14.12 -15.48 14.83
N CYS A 212 15.05 -14.55 14.63
CA CYS A 212 16.33 -14.92 14.02
C CYS A 212 17.32 -15.71 14.93
N SER A 213 17.00 -16.96 15.30
CA SER A 213 17.73 -17.67 16.41
C SER A 213 18.00 -19.18 16.04
N GLN A 214 18.26 -20.02 17.04
CA GLN A 214 19.07 -21.25 17.04
C GLN A 214 18.79 -22.11 15.80
N HIS A 215 17.54 -22.04 15.33
CA HIS A 215 17.11 -22.75 14.15
C HIS A 215 17.88 -22.34 12.90
N VAL A 216 18.02 -21.02 12.61
CA VAL A 216 18.75 -20.62 11.39
C VAL A 216 20.26 -20.46 11.51
N GLU A 217 20.89 -21.07 12.54
CA GLU A 217 22.31 -21.02 12.73
C GLU A 217 22.91 -22.41 12.64
N ARG A 218 24.15 -22.53 12.21
CA ARG A 218 24.78 -23.83 12.08
C ARG A 218 24.08 -24.69 10.99
N LEU A 219 23.74 -24.03 9.88
CA LEU A 219 23.27 -24.69 8.68
C LEU A 219 24.33 -25.15 7.70
N GLN A 220 25.60 -25.19 8.10
CA GLN A 220 26.69 -25.73 7.34
C GLN A 220 26.45 -27.18 6.99
N ILE A 221 25.84 -27.98 7.88
CA ILE A 221 25.49 -29.36 7.65
C ILE A 221 24.64 -29.57 6.36
N PHE A 222 23.78 -28.63 6.09
CA PHE A 222 22.93 -28.63 4.91
C PHE A 222 23.62 -28.22 3.62
N LEU B 3 -19.80 -16.95 5.70
CA LEU B 3 -18.36 -16.56 5.53
C LEU B 3 -17.94 -16.71 4.10
N THR B 4 -18.44 -17.76 3.43
CA THR B 4 -18.24 -17.91 1.95
C THR B 4 -19.08 -16.87 1.20
N GLU B 5 -20.32 -16.66 1.63
CA GLU B 5 -21.19 -15.66 1.02
C GLU B 5 -20.65 -14.23 1.26
N ILE B 6 -20.12 -13.99 2.45
CA ILE B 6 -19.53 -12.71 2.81
C ILE B 6 -18.32 -12.49 1.89
N GLU B 7 -17.47 -13.51 1.78
CA GLU B 7 -16.27 -13.42 0.95
C GLU B 7 -16.60 -13.24 -0.53
N HIS B 8 -17.67 -13.89 -0.96
CA HIS B 8 -18.20 -13.68 -2.33
C HIS B 8 -18.65 -12.25 -2.55
N LEU B 9 -19.34 -11.65 -1.56
CA LEU B 9 -19.70 -10.22 -1.64
C LEU B 9 -18.47 -9.32 -1.78
N VAL B 10 -17.45 -9.58 -0.95
CA VAL B 10 -16.18 -8.84 -1.05
C VAL B 10 -15.62 -8.92 -2.47
N GLN B 11 -15.46 -10.13 -2.98
CA GLN B 11 -14.85 -10.35 -4.30
C GLN B 11 -15.67 -9.66 -5.37
N SER B 12 -16.98 -9.71 -5.22
CA SER B 12 -17.91 -9.10 -6.18
C SER B 12 -17.79 -7.56 -6.20
N VAL B 13 -17.74 -6.96 -5.01
CA VAL B 13 -17.60 -5.51 -4.91
C VAL B 13 -16.27 -5.05 -5.53
N CYS B 14 -15.21 -5.81 -5.25
CA CYS B 14 -13.89 -5.49 -5.73
C CYS B 14 -13.76 -5.62 -7.23
N LYS B 15 -14.52 -6.52 -7.81
CA LYS B 15 -14.49 -6.66 -9.25
C LYS B 15 -15.23 -5.52 -9.83
N SER B 16 -16.42 -5.25 -9.32
CA SER B 16 -17.21 -4.12 -9.79
C SER B 16 -16.40 -2.83 -9.82
N TYR B 17 -15.61 -2.59 -8.78
CA TYR B 17 -14.76 -1.41 -8.74
C TYR B 17 -13.66 -1.47 -9.80
N ARG B 18 -13.02 -2.64 -9.92
CA ARG B 18 -11.94 -2.83 -10.89
C ARG B 18 -12.44 -2.55 -12.29
N GLU B 19 -13.69 -2.91 -12.57
CA GLU B 19 -14.27 -2.74 -13.91
C GLU B 19 -14.72 -1.30 -14.18
N THR B 20 -14.87 -0.45 -13.16
CA THR B 20 -15.40 0.87 -13.36
C THR B 20 -14.42 2.02 -12.94
N CYS B 21 -13.17 1.67 -12.68
CA CYS B 21 -12.10 2.67 -12.63
C CYS B 21 -11.80 3.40 -13.96
N GLN B 22 -11.92 4.73 -13.94
CA GLN B 22 -11.62 5.61 -15.07
C GLN B 22 -10.17 5.33 -15.50
N LEU B 23 -9.31 5.26 -14.56
CA LEU B 23 -7.85 5.26 -14.83
C LEU B 23 -7.25 4.06 -14.16
N ARG B 24 -6.44 3.28 -14.89
CA ARG B 24 -5.79 2.09 -14.33
C ARG B 24 -4.65 2.55 -13.41
N LEU B 25 -4.51 1.88 -12.27
CA LEU B 25 -3.47 2.27 -11.31
C LEU B 25 -2.10 2.18 -11.94
N GLU B 26 -1.87 1.16 -12.76
CA GLU B 26 -0.60 0.96 -13.46
C GLU B 26 -0.19 2.18 -14.27
N ASP B 27 -1.17 2.77 -14.97
CA ASP B 27 -0.94 3.95 -15.79
C ASP B 27 -0.68 5.20 -14.96
N LEU B 28 -1.46 5.38 -13.90
CA LEU B 28 -1.26 6.49 -12.95
C LEU B 28 0.14 6.48 -12.36
N LEU B 29 0.60 5.29 -11.95
CA LEU B 29 1.93 5.14 -11.35
C LEU B 29 3.05 5.41 -12.35
N ARG B 30 2.91 4.85 -13.55
CA ARG B 30 3.93 4.99 -14.59
C ARG B 30 4.09 6.46 -15.02
N GLN B 31 3.00 7.21 -14.94
CA GLN B 31 3.00 8.61 -15.37
C GLN B 31 3.48 9.60 -14.29
N ARG B 32 3.80 9.11 -13.12
CA ARG B 32 4.24 9.96 -12.03
C ARG B 32 5.43 10.81 -12.39
N SER B 33 6.32 10.28 -13.20
CA SER B 33 7.50 11.06 -13.66
C SER B 33 7.14 12.25 -14.60
N ASN B 34 6.23 12.09 -15.54
N ASN B 34 6.20 12.08 -15.52
CA ASN B 34 5.97 13.16 -16.51
CA ASN B 34 5.87 13.12 -16.50
C ASN B 34 5.14 14.26 -15.85
C ASN B 34 5.12 14.26 -15.81
N ILE B 35 5.74 15.43 -15.73
CA ILE B 35 5.26 16.51 -14.87
C ILE B 35 5.15 17.84 -15.65
N PHE B 36 4.09 18.59 -15.41
CA PHE B 36 3.91 19.89 -16.08
C PHE B 36 5.09 20.82 -15.87
N SER B 37 5.61 21.38 -16.95
CA SER B 37 6.69 22.35 -16.87
C SER B 37 6.16 23.67 -16.33
N ARG B 38 7.10 24.53 -15.86
CA ARG B 38 6.69 25.83 -15.29
C ARG B 38 5.87 26.65 -16.27
N GLU B 39 6.24 26.66 -17.56
CA GLU B 39 5.51 27.39 -18.58
C GLU B 39 4.12 26.83 -18.84
N GLU B 40 3.98 25.51 -18.74
CA GLU B 40 2.67 24.88 -18.90
C GLU B 40 1.75 25.22 -17.72
N VAL B 41 2.30 25.22 -16.50
CA VAL B 41 1.54 25.63 -15.31
C VAL B 41 1.09 27.09 -15.43
N THR B 42 2.00 27.98 -15.82
CA THR B 42 1.69 29.39 -16.06
C THR B 42 0.57 29.52 -17.08
N GLY B 43 0.63 28.69 -18.12
CA GLY B 43 -0.41 28.67 -19.16
C GLY B 43 -1.79 28.36 -18.57
N TYR B 44 -1.84 27.38 -17.67
CA TYR B 44 -3.09 27.05 -16.98
C TYR B 44 -3.56 28.17 -16.04
N GLN B 45 -2.61 28.76 -15.31
CA GLN B 45 -2.89 29.84 -14.38
C GLN B 45 -3.46 31.08 -15.06
N ARG B 46 -3.12 31.27 -16.34
CA ARG B 46 -3.53 32.45 -17.08
C ARG B 46 -4.93 32.33 -17.66
N LYS B 47 -5.43 31.09 -17.76
CA LYS B 47 -6.81 30.85 -18.19
C LYS B 47 -7.82 31.53 -17.33
N SER B 48 -8.91 31.99 -17.94
CA SER B 48 -9.99 32.60 -17.17
C SER B 48 -10.60 31.60 -16.20
N MET B 49 -11.08 32.14 -15.08
CA MET B 49 -11.71 31.30 -14.06
C MET B 49 -12.85 30.47 -14.72
N TRP B 50 -13.48 31.09 -15.73
CA TRP B 50 -14.62 30.47 -16.40
C TRP B 50 -14.22 29.32 -17.29
N GLU B 51 -13.07 29.43 -17.93
CA GLU B 51 -12.56 28.35 -18.76
C GLU B 51 -12.10 27.19 -17.89
N MET B 52 -11.43 27.50 -16.79
CA MET B 52 -10.94 26.48 -15.86
C MET B 52 -12.14 25.77 -15.20
N TRP B 53 -13.18 26.56 -14.89
CA TRP B 53 -14.40 25.95 -14.40
C TRP B 53 -15.01 24.95 -15.42
N GLU B 54 -15.19 25.35 -16.67
CA GLU B 54 -15.78 24.41 -17.63
C GLU B 54 -14.94 23.15 -17.89
N ARG B 55 -13.62 23.29 -17.90
CA ARG B 55 -12.71 22.13 -18.00
C ARG B 55 -12.88 21.22 -16.79
N CYS B 56 -12.83 21.81 -15.59
CA CYS B 56 -12.97 21.04 -14.38
C CYS B 56 -14.39 20.40 -14.25
N ALA B 57 -15.41 21.16 -14.64
CA ALA B 57 -16.76 20.66 -14.67
C ALA B 57 -16.89 19.43 -15.59
N HIS B 58 -16.30 19.52 -16.76
CA HIS B 58 -16.27 18.40 -17.72
C HIS B 58 -15.60 17.15 -17.11
N HIS B 59 -14.43 17.33 -16.52
CA HIS B 59 -13.74 16.20 -15.89
C HIS B 59 -14.50 15.59 -14.70
N LEU B 60 -15.15 16.45 -13.92
CA LEU B 60 -15.97 15.99 -12.82
C LEU B 60 -17.21 15.17 -13.26
N THR B 61 -17.86 15.69 -14.29
CA THR B 61 -19.06 15.07 -14.86
C THR B 61 -18.68 13.66 -15.41
N GLU B 62 -17.58 13.60 -16.15
CA GLU B 62 -17.04 12.35 -16.63
C GLU B 62 -16.76 11.36 -15.47
N ALA B 63 -16.11 11.85 -14.41
CA ALA B 63 -15.80 11.01 -13.26
C ALA B 63 -17.06 10.44 -12.58
N ILE B 64 -18.07 11.29 -12.43
CA ILE B 64 -19.38 10.89 -11.89
C ILE B 64 -20.03 9.78 -12.74
N GLN B 65 -19.94 9.92 -14.06
CA GLN B 65 -20.47 8.89 -14.97
C GLN B 65 -19.91 7.51 -14.62
N TYR B 66 -18.62 7.44 -14.37
CA TYR B 66 -17.99 6.16 -13.99
C TYR B 66 -18.42 5.68 -12.60
N VAL B 67 -18.69 6.61 -11.70
CA VAL B 67 -19.21 6.28 -10.35
C VAL B 67 -20.65 5.70 -10.44
N VAL B 68 -21.48 6.28 -11.28
CA VAL B 68 -22.79 5.75 -11.59
C VAL B 68 -22.67 4.30 -12.14
N GLU B 69 -21.78 4.08 -13.10
CA GLU B 69 -21.50 2.73 -13.60
C GLU B 69 -21.13 1.76 -12.51
N PHE B 70 -20.24 2.21 -11.63
CA PHE B 70 -19.83 1.45 -10.43
C PHE B 70 -21.04 1.07 -9.60
N ALA B 71 -21.90 2.04 -9.31
CA ALA B 71 -23.13 1.77 -8.54
C ALA B 71 -23.98 0.72 -9.24
N LYS B 72 -24.20 0.88 -10.54
CA LYS B 72 -25.06 -0.05 -11.29
C LYS B 72 -24.55 -1.49 -11.22
N ARG B 73 -23.26 -1.65 -10.97
CA ARG B 73 -22.65 -2.97 -10.85
C ARG B 73 -22.64 -3.58 -9.44
N LEU B 74 -22.96 -2.77 -8.46
CA LEU B 74 -22.92 -3.17 -7.05
C LEU B 74 -24.08 -4.07 -6.70
N SER B 75 -23.76 -5.24 -6.15
CA SER B 75 -24.77 -6.24 -5.87
C SER B 75 -25.87 -5.59 -5.01
N GLY B 76 -27.10 -5.68 -5.50
CA GLY B 76 -28.24 -5.15 -4.78
C GLY B 76 -28.67 -3.74 -5.17
N PHE B 77 -27.72 -2.92 -5.65
CA PHE B 77 -28.04 -1.52 -5.95
C PHE B 77 -29.19 -1.39 -6.94
N MET B 78 -29.11 -2.15 -8.03
CA MET B 78 -30.17 -2.13 -9.05
C MET B 78 -31.51 -2.67 -8.55
N GLU B 79 -31.48 -3.42 -7.45
CA GLU B 79 -32.72 -3.96 -6.87
C GLU B 79 -33.44 -2.94 -5.96
N LEU B 80 -32.75 -1.88 -5.58
CA LEU B 80 -33.40 -0.75 -4.90
C LEU B 80 -34.34 -0.05 -5.86
N CYS B 81 -35.38 0.57 -5.33
CA CYS B 81 -36.31 1.36 -6.14
C CYS B 81 -35.58 2.52 -6.83
N GLN B 82 -36.16 3.00 -7.93
CA GLN B 82 -35.47 4.01 -8.75
C GLN B 82 -35.23 5.30 -7.98
N ASN B 83 -36.19 5.74 -7.16
CA ASN B 83 -35.99 6.95 -6.32
C ASN B 83 -34.78 6.88 -5.43
N ASP B 84 -34.56 5.72 -4.80
CA ASP B 84 -33.42 5.54 -3.88
C ASP B 84 -32.07 5.45 -4.58
N GLN B 85 -32.03 4.82 -5.74
CA GLN B 85 -30.82 4.82 -6.57
C GLN B 85 -30.40 6.28 -6.88
N ILE B 86 -31.39 7.10 -7.22
CA ILE B 86 -31.12 8.50 -7.53
C ILE B 86 -30.65 9.24 -6.26
N VAL B 87 -31.37 9.05 -5.15
CA VAL B 87 -31.00 9.70 -3.90
C VAL B 87 -29.56 9.38 -3.53
N LEU B 88 -29.19 8.11 -3.56
CA LEU B 88 -27.84 7.68 -3.17
C LEU B 88 -26.75 8.25 -4.06
N LEU B 89 -27.00 8.31 -5.36
CA LEU B 89 -26.00 8.78 -6.31
C LEU B 89 -25.90 10.29 -6.28
N LYS B 90 -27.01 10.95 -6.12
CA LYS B 90 -27.02 12.38 -6.04
C LYS B 90 -26.28 12.86 -4.79
N ALA B 91 -26.39 12.12 -3.71
CA ALA B 91 -25.69 12.45 -2.46
C ALA B 91 -24.23 12.03 -2.44
N GLY B 92 -23.90 10.94 -3.14
CA GLY B 92 -22.60 10.29 -2.93
C GLY B 92 -21.66 10.16 -4.09
N ALA B 93 -22.12 10.38 -5.34
CA ALA B 93 -21.25 10.15 -6.49
C ALA B 93 -19.99 11.04 -6.46
N MET B 94 -20.15 12.33 -6.18
CA MET B 94 -19.02 13.26 -6.05
C MET B 94 -18.10 12.93 -4.86
N GLU B 95 -18.67 12.47 -3.76
CA GLU B 95 -17.88 11.94 -2.62
C GLU B 95 -17.00 10.76 -3.04
N VAL B 96 -17.54 9.84 -3.85
CA VAL B 96 -16.72 8.74 -4.38
C VAL B 96 -15.60 9.24 -5.31
N VAL B 97 -15.93 10.23 -6.16
CA VAL B 97 -14.90 10.84 -7.02
C VAL B 97 -13.74 11.41 -6.20
N LEU B 98 -14.06 12.07 -5.09
CA LEU B 98 -13.03 12.64 -4.22
C LEU B 98 -12.15 11.57 -3.57
N VAL B 99 -12.76 10.46 -3.17
CA VAL B 99 -11.99 9.31 -2.66
C VAL B 99 -11.13 8.69 -3.77
N ARG B 100 -11.74 8.42 -4.93
CA ARG B 100 -11.00 7.87 -6.09
C ARG B 100 -9.77 8.73 -6.48
N MET B 101 -9.88 10.03 -6.29
CA MET B 101 -8.80 10.96 -6.62
C MET B 101 -7.44 10.65 -5.94
N CYS B 102 -7.49 10.06 -4.75
CA CYS B 102 -6.25 9.74 -4.05
C CYS B 102 -5.33 8.79 -4.83
N ARG B 103 -5.86 7.95 -5.71
CA ARG B 103 -5.04 7.07 -6.55
C ARG B 103 -4.19 7.87 -7.54
N ALA B 104 -4.71 9.03 -7.94
CA ALA B 104 -4.09 9.87 -8.95
C ALA B 104 -3.24 10.97 -8.29
N TYR B 105 -3.02 10.81 -7.00
CA TYR B 105 -2.28 11.78 -6.20
C TYR B 105 -0.95 11.16 -5.80
N ASN B 106 0.12 11.91 -5.96
CA ASN B 106 1.47 11.49 -5.55
C ASN B 106 1.93 12.25 -4.31
N ALA B 107 1.95 11.57 -3.16
CA ALA B 107 2.32 12.21 -1.90
C ALA B 107 3.80 12.61 -1.86
N ASP B 108 4.62 11.92 -2.65
CA ASP B 108 6.07 12.19 -2.64
C ASP B 108 6.37 13.63 -3.03
N ASN B 109 5.67 14.13 -4.04
CA ASN B 109 5.93 15.49 -4.53
C ASN B 109 4.67 16.38 -4.56
N ARG B 110 3.61 15.89 -3.96
CA ARG B 110 2.35 16.59 -3.86
C ARG B 110 1.72 17.02 -5.18
N THR B 111 1.65 16.12 -6.11
CA THR B 111 1.10 16.41 -7.44
C THR B 111 -0.13 15.54 -7.70
N VAL B 112 -0.95 15.97 -8.64
CA VAL B 112 -2.13 15.20 -9.04
C VAL B 112 -2.10 15.00 -10.56
N PHE B 113 -2.53 13.83 -11.04
CA PHE B 113 -2.68 13.59 -12.49
C PHE B 113 -3.83 14.40 -13.07
N PHE B 114 -3.52 15.31 -13.98
CA PHE B 114 -4.51 16.24 -14.53
C PHE B 114 -4.17 16.49 -16.01
N GLU B 115 -5.10 16.15 -16.87
CA GLU B 115 -4.95 16.26 -18.31
C GLU B 115 -3.61 15.72 -18.81
N GLY B 116 -3.27 14.53 -18.32
CA GLY B 116 -2.18 13.74 -18.88
C GLY B 116 -0.84 13.84 -18.20
N LYS B 117 -0.67 14.75 -17.25
CA LYS B 117 0.62 14.91 -16.57
C LYS B 117 0.38 15.30 -15.12
N TYR B 118 1.43 15.27 -14.30
CA TYR B 118 1.25 15.56 -12.87
C TYR B 118 1.55 17.03 -12.59
N GLY B 119 0.70 17.66 -11.78
CA GLY B 119 0.91 19.07 -11.41
C GLY B 119 0.56 19.32 -9.96
N GLY B 120 1.16 20.36 -9.39
CA GLY B 120 0.91 20.72 -8.01
C GLY B 120 -0.31 21.60 -7.89
N MET B 121 -0.58 22.01 -6.65
CA MET B 121 -1.80 22.78 -6.40
C MET B 121 -1.82 24.12 -7.11
N GLU B 122 -0.67 24.70 -7.42
CA GLU B 122 -0.60 25.99 -8.12
C GLU B 122 -1.19 25.96 -9.55
N LEU B 123 -1.26 24.76 -10.15
CA LEU B 123 -1.87 24.57 -11.45
C LEU B 123 -3.33 25.11 -11.47
N PHE B 124 -4.02 25.03 -10.33
CA PHE B 124 -5.43 25.34 -10.22
C PHE B 124 -5.73 26.76 -9.74
N ARG B 125 -4.69 27.60 -9.74
CA ARG B 125 -4.79 28.98 -9.31
C ARG B 125 -5.99 29.77 -9.89
N ALA B 126 -6.22 29.60 -11.19
CA ALA B 126 -7.26 30.35 -11.90
C ALA B 126 -8.69 30.14 -11.36
N LEU B 127 -8.92 29.00 -10.69
CA LEU B 127 -10.20 28.72 -10.08
C LEU B 127 -10.56 29.72 -8.95
N GLY B 128 -9.53 30.28 -8.29
CA GLY B 128 -9.81 31.40 -7.38
C GLY B 128 -10.54 30.98 -6.15
N CYS B 129 -10.44 29.75 -5.76
CA CYS B 129 -10.95 29.37 -4.40
C CYS B 129 -9.92 28.48 -3.73
N SER B 130 -8.79 29.13 -3.53
CA SER B 130 -7.61 28.41 -2.98
C SER B 130 -7.80 27.66 -1.68
N GLU B 131 -8.75 28.11 -0.86
CA GLU B 131 -9.12 27.37 0.37
C GLU B 131 -9.72 26.01 0.03
N LEU B 132 -10.68 26.00 -0.87
CA LEU B 132 -11.26 24.75 -1.36
C LEU B 132 -10.20 23.84 -2.02
N ILE B 133 -9.39 24.40 -2.91
CA ILE B 133 -8.38 23.59 -3.63
C ILE B 133 -7.41 22.97 -2.62
N SER B 134 -6.95 23.80 -1.68
CA SER B 134 -6.06 23.33 -0.65
C SER B 134 -6.67 22.20 0.21
N SER B 135 -7.95 22.35 0.57
CA SER B 135 -8.68 21.29 1.30
C SER B 135 -8.78 20.00 0.53
N ILE B 136 -9.03 20.08 -0.76
CA ILE B 136 -9.07 18.87 -1.62
C ILE B 136 -7.71 18.18 -1.64
N PHE B 137 -6.64 18.97 -1.80
CA PHE B 137 -5.28 18.42 -1.78
C PHE B 137 -4.95 17.77 -0.41
N ASP B 138 -5.31 18.47 0.67
CA ASP B 138 -5.07 17.95 2.03
C ASP B 138 -5.81 16.66 2.30
N PHE B 139 -7.06 16.60 1.86
CA PHE B 139 -7.88 15.40 1.96
C PHE B 139 -7.24 14.25 1.22
N SER B 140 -6.83 14.48 -0.03
CA SER B 140 -6.19 13.43 -0.83
C SER B 140 -4.89 12.96 -0.19
N HIS B 141 -4.14 13.92 0.39
CA HIS B 141 -2.88 13.60 1.07
C HIS B 141 -3.14 12.68 2.28
N SER B 142 -4.15 13.04 3.08
CA SER B 142 -4.60 12.19 4.20
C SER B 142 -4.98 10.77 3.78
N LEU B 143 -5.65 10.63 2.67
CA LEU B 143 -6.05 9.33 2.17
C LEU B 143 -4.91 8.54 1.62
N SER B 144 -3.99 9.21 0.98
CA SER B 144 -2.77 8.56 0.45
C SER B 144 -1.97 7.90 1.55
N ALA B 145 -2.01 8.52 2.71
CA ALA B 145 -1.23 8.03 3.85
C ALA B 145 -1.68 6.65 4.31
N LEU B 146 -2.90 6.27 3.93
CA LEU B 146 -3.49 4.97 4.30
C LEU B 146 -3.07 3.81 3.40
N HIS B 147 -2.55 4.15 2.21
CA HIS B 147 -2.02 3.13 1.28
C HIS B 147 -3.10 2.09 0.98
N PHE B 148 -4.30 2.59 0.66
CA PHE B 148 -5.44 1.77 0.38
C PHE B 148 -5.05 0.72 -0.66
N SER B 149 -5.39 -0.52 -0.39
CA SER B 149 -5.46 -1.55 -1.40
C SER B 149 -6.66 -1.28 -2.33
N GLU B 150 -6.66 -1.92 -3.51
CA GLU B 150 -7.79 -1.76 -4.44
C GLU B 150 -9.08 -2.23 -3.77
N ASP B 151 -9.04 -3.35 -3.06
CA ASP B 151 -10.22 -3.87 -2.42
C ASP B 151 -10.72 -2.99 -1.27
N GLU B 152 -9.80 -2.38 -0.52
CA GLU B 152 -10.20 -1.46 0.54
C GLU B 152 -10.93 -0.25 -0.05
N ILE B 153 -10.42 0.24 -1.18
CA ILE B 153 -11.05 1.34 -1.89
C ILE B 153 -12.46 0.94 -2.36
N ALA B 154 -12.54 -0.26 -2.94
CA ALA B 154 -13.82 -0.81 -3.41
C ALA B 154 -14.84 -0.80 -2.30
N LEU B 155 -14.50 -1.38 -1.17
CA LEU B 155 -15.43 -1.54 -0.04
C LEU B 155 -15.73 -0.21 0.63
N TYR B 156 -14.68 0.61 0.84
CA TYR B 156 -14.88 1.95 1.42
C TYR B 156 -15.79 2.85 0.54
N THR B 157 -15.54 2.87 -0.77
CA THR B 157 -16.39 3.69 -1.66
C THR B 157 -17.80 3.14 -1.83
N ALA B 158 -17.96 1.83 -1.75
CA ALA B 158 -19.32 1.26 -1.74
C ALA B 158 -20.10 1.81 -0.57
N LEU B 159 -19.42 1.95 0.58
CA LEU B 159 -20.09 2.45 1.79
C LEU B 159 -20.31 3.95 1.79
N VAL B 160 -19.48 4.67 1.03
CA VAL B 160 -19.75 6.09 0.82
C VAL B 160 -21.11 6.24 0.13
N LEU B 161 -21.33 5.42 -0.89
CA LEU B 161 -22.56 5.43 -1.68
C LEU B 161 -23.76 4.87 -0.93
N ILE B 162 -23.58 3.71 -0.34
CA ILE B 162 -24.76 2.96 0.19
C ILE B 162 -24.93 3.35 1.67
N ASN B 163 -25.60 4.49 1.87
CA ASN B 163 -25.77 5.08 3.17
C ASN B 163 -27.23 5.33 3.42
N ALA B 164 -27.77 4.62 4.41
CA ALA B 164 -29.19 4.71 4.79
C ALA B 164 -29.58 6.00 5.49
N HIS B 165 -28.61 6.87 5.76
CA HIS B 165 -28.89 8.14 6.41
C HIS B 165 -29.13 9.29 5.44
N ARG B 166 -29.04 9.03 4.14
CA ARG B 166 -29.39 10.03 3.11
C ARG B 166 -30.84 10.42 3.25
N PRO B 167 -31.14 11.72 3.43
CA PRO B 167 -32.53 12.18 3.48
C PRO B 167 -33.28 11.84 2.19
N GLY B 168 -34.54 11.42 2.31
CA GLY B 168 -35.38 11.19 1.13
C GLY B 168 -35.52 9.76 0.67
N LEU B 169 -34.81 8.83 1.31
CA LEU B 169 -34.94 7.41 0.92
C LEU B 169 -36.32 6.85 1.29
N GLN B 170 -36.94 6.17 0.35
CA GLN B 170 -38.32 5.67 0.52
C GLN B 170 -38.36 4.24 0.96
N GLU B 171 -37.28 3.48 0.74
CA GLU B 171 -37.19 2.10 1.19
C GLU B 171 -35.94 1.95 2.08
N LYS B 172 -35.93 2.71 3.19
CA LYS B 172 -34.75 2.80 4.05
C LYS B 172 -34.31 1.45 4.57
N ARG B 173 -35.25 0.56 4.90
CA ARG B 173 -34.89 -0.75 5.36
C ARG B 173 -34.07 -1.54 4.34
N LYS B 174 -34.44 -1.48 3.06
CA LYS B 174 -33.68 -2.17 2.02
C LYS B 174 -32.24 -1.65 1.95
N VAL B 175 -32.10 -0.32 2.05
CA VAL B 175 -30.77 0.28 2.02
C VAL B 175 -29.95 -0.10 3.26
N GLU B 176 -30.59 -0.09 4.43
CA GLU B 176 -29.96 -0.55 5.70
C GLU B 176 -29.40 -1.93 5.58
N GLN B 177 -30.18 -2.87 5.05
CA GLN B 177 -29.76 -4.25 4.79
C GLN B 177 -28.50 -4.31 3.90
N LEU B 178 -28.50 -3.54 2.80
CA LEU B 178 -27.37 -3.53 1.90
C LEU B 178 -26.11 -2.93 2.58
N GLN B 179 -26.34 -1.80 3.28
CA GLN B 179 -25.27 -1.15 3.99
C GLN B 179 -24.66 -2.07 5.03
N TYR B 180 -25.51 -2.74 5.80
CA TYR B 180 -25.00 -3.66 6.86
C TYR B 180 -24.19 -4.79 6.28
N ASN B 181 -24.64 -5.39 5.18
CA ASN B 181 -23.90 -6.48 4.56
C ASN B 181 -22.53 -6.00 4.07
N LEU B 182 -22.50 -4.76 3.56
CA LEU B 182 -21.27 -4.19 3.07
C LEU B 182 -20.31 -3.81 4.22
N GLU B 183 -20.89 -3.44 5.36
CA GLU B 183 -20.06 -3.14 6.53
C GLU B 183 -19.45 -4.42 7.05
N LEU B 184 -20.22 -5.50 7.10
CA LEU B 184 -19.69 -6.83 7.47
C LEU B 184 -18.54 -7.21 6.56
N ALA B 185 -18.75 -7.08 5.25
CA ALA B 185 -17.71 -7.39 4.27
C ALA B 185 -16.42 -6.58 4.57
N PHE B 186 -16.59 -5.27 4.73
CA PHE B 186 -15.45 -4.38 4.97
C PHE B 186 -14.71 -4.74 6.25
N HIS B 187 -15.45 -4.90 7.34
CA HIS B 187 -14.85 -5.16 8.65
C HIS B 187 -14.22 -6.53 8.70
N HIS B 188 -14.89 -7.52 8.11
CA HIS B 188 -14.34 -8.88 8.00
C HIS B 188 -13.00 -8.85 7.25
N HIS B 189 -12.97 -8.19 6.10
CA HIS B 189 -11.73 -8.13 5.33
C HIS B 189 -10.57 -7.39 6.05
N LEU B 190 -10.90 -6.26 6.64
CA LEU B 190 -9.89 -5.54 7.46
C LEU B 190 -9.40 -6.42 8.63
N CYS B 191 -10.31 -7.14 9.26
CA CYS B 191 -10.00 -8.00 10.37
C CYS B 191 -9.02 -9.14 10.02
N LYS B 192 -9.28 -9.77 8.92
CA LYS B 192 -8.49 -10.90 8.38
C LYS B 192 -7.10 -10.46 7.94
N THR B 193 -6.98 -9.18 7.59
CA THR B 193 -5.72 -8.65 7.10
C THR B 193 -4.99 -7.76 8.13
N HIS B 194 -5.53 -7.73 9.36
CA HIS B 194 -5.00 -6.92 10.45
C HIS B 194 -4.94 -5.46 10.07
N ARG B 195 -5.95 -5.00 9.34
CA ARG B 195 -6.03 -3.61 8.93
C ARG B 195 -7.15 -2.79 9.61
N GLN B 196 -7.64 -3.30 10.75
CA GLN B 196 -8.73 -2.65 11.51
C GLN B 196 -8.36 -1.21 11.82
N SER B 197 -7.06 -0.92 12.01
CA SER B 197 -6.61 0.41 12.38
C SER B 197 -6.98 1.53 11.42
N ILE B 198 -7.31 1.22 10.16
CA ILE B 198 -7.58 2.29 9.20
C ILE B 198 -8.97 2.93 9.34
N LEU B 199 -9.94 2.24 9.90
CA LEU B 199 -11.25 2.76 10.26
C LEU B 199 -11.15 4.04 11.04
N ALA B 200 -10.38 4.06 12.12
CA ALA B 200 -10.16 5.28 12.91
C ALA B 200 -9.52 6.42 12.13
N LYS B 201 -8.85 6.10 11.03
CA LYS B 201 -8.19 7.12 10.24
C LYS B 201 -8.99 7.66 9.09
N LEU B 202 -10.08 7.02 8.80
CA LEU B 202 -10.96 7.47 7.70
C LEU B 202 -11.54 8.85 8.06
N PRO B 203 -11.85 9.67 7.04
CA PRO B 203 -12.37 10.98 7.38
C PRO B 203 -13.79 10.81 7.96
N PRO B 204 -14.15 11.65 8.95
CA PRO B 204 -15.54 11.68 9.39
C PRO B 204 -16.49 11.94 8.23
N LYS B 205 -17.66 11.38 8.27
CA LYS B 205 -18.72 11.54 7.26
C LYS B 205 -18.94 13.02 6.95
N GLY B 206 -18.84 13.86 7.97
CA GLY B 206 -18.95 15.32 7.83
C GLY B 206 -17.86 16.00 7.01
N LYS B 207 -16.69 15.39 6.92
CA LYS B 207 -15.56 15.97 6.19
C LYS B 207 -15.79 15.89 4.69
N LEU B 208 -16.27 14.74 4.25
CA LEU B 208 -16.54 14.49 2.85
C LEU B 208 -17.69 15.38 2.38
N ARG B 209 -18.76 15.42 3.18
CA ARG B 209 -19.91 16.28 2.93
C ARG B 209 -19.50 17.75 2.80
N SER B 210 -18.68 18.21 3.75
CA SER B 210 -18.19 19.59 3.77
C SER B 210 -17.38 19.94 2.51
N LEU B 211 -16.50 19.03 2.12
CA LEU B 211 -15.70 19.23 0.91
C LEU B 211 -16.56 19.22 -0.33
N CYS B 212 -17.51 18.28 -0.40
CA CYS B 212 -18.43 18.21 -1.52
C CYS B 212 -19.79 19.02 -1.37
N SER B 213 -19.73 20.36 -1.47
CA SER B 213 -20.86 21.29 -1.28
C SER B 213 -20.39 22.53 -2.06
N GLN B 214 -21.00 23.70 -1.83
CA GLN B 214 -21.70 24.67 -2.63
C GLN B 214 -21.04 24.97 -3.98
N HIS B 215 -19.71 24.80 -4.00
CA HIS B 215 -18.91 24.97 -5.19
C HIS B 215 -19.32 24.00 -6.30
N VAL B 216 -19.28 22.69 -6.00
CA VAL B 216 -19.64 21.65 -7.02
C VAL B 216 -21.15 21.34 -7.25
N GLU B 217 -22.02 22.20 -6.72
CA GLU B 217 -23.42 22.23 -7.04
C GLU B 217 -23.79 23.37 -8.00
N ARG B 218 -24.84 23.18 -8.79
CA ARG B 218 -25.28 24.19 -9.72
C ARG B 218 -24.24 24.48 -10.80
N LEU B 219 -23.65 23.41 -11.30
CA LEU B 219 -22.65 23.47 -12.38
C LEU B 219 -23.15 23.39 -13.85
N GLN B 220 -24.47 23.55 -14.01
CA GLN B 220 -25.10 23.66 -15.32
C GLN B 220 -24.53 24.84 -16.12
N ILE B 221 -24.24 25.95 -15.45
CA ILE B 221 -23.66 27.12 -16.05
C ILE B 221 -22.32 26.89 -16.73
N PHE B 222 -21.68 25.72 -16.56
CA PHE B 222 -20.40 25.44 -17.12
C PHE B 222 -20.35 24.42 -18.24
N GLN B 223 -21.36 24.45 -19.15
CA GLN B 223 -21.39 23.54 -20.31
C GLN B 223 -21.13 24.22 -21.66
#